data_4I7B
#
_entry.id   4I7B
#
_cell.length_a   39.745
_cell.length_b   87.913
_cell.length_c   59.884
_cell.angle_alpha   90.00
_cell.angle_beta   100.59
_cell.angle_gamma   90.00
#
_symmetry.space_group_name_H-M   'P 1 21 1'
#
loop_
_entity.id
_entity.type
_entity.pdbx_description
1 polymer 'E3 ubiquitin-protein ligase SIAH1'
2 polymer 'Protein phyllopod'
3 non-polymer 'ZINC ION'
4 water water
#
loop_
_entity_poly.entity_id
_entity_poly.type
_entity_poly.pdbx_seq_one_letter_code
_entity_poly.pdbx_strand_id
1 'polypeptide(L)'
;GSHVANSVLFPCKYASSGCEITLPHTEKADHEELCEFRPYSCPCPGASCKWQGSLDAVMPHLMHQHKSITTLQGEDIVFL
ATDINLPGAVDWVMMQSCFGFHFMLVLEKQEKYDGHQQFFAIVQLIGTRKQAENFAYRLELNGHRRRLTWEATPRSIHEG
IATAIMNSDCLVFDTSIAQLFAENGNLGINVTISMC
;
A,C
2 'polypeptide(L)' (ACE)KLRPV(ABA)MVRPTVR B,D
#
# COMPACT_ATOMS: atom_id res chain seq x y z
N ALA A 5 19.57 16.82 -37.39
CA ALA A 5 20.01 16.76 -38.82
C ALA A 5 20.79 18.02 -39.21
N ASN A 6 20.10 19.16 -39.24
CA ASN A 6 20.71 20.41 -39.67
C ASN A 6 20.03 21.67 -39.11
N SER A 7 19.49 21.57 -37.89
CA SER A 7 18.85 22.71 -37.25
C SER A 7 19.89 23.64 -36.66
N VAL A 8 19.41 24.75 -36.09
CA VAL A 8 20.28 25.79 -35.59
C VAL A 8 20.45 25.37 -34.13
N LEU A 9 21.70 25.19 -33.72
CA LEU A 9 22.05 24.70 -32.39
C LEU A 9 22.02 25.84 -31.37
N PHE A 10 21.00 25.88 -30.51
CA PHE A 10 20.91 26.85 -29.39
C PHE A 10 21.32 26.16 -28.09
N PRO A 11 22.27 26.75 -27.33
CA PRO A 11 22.84 26.00 -26.21
C PRO A 11 22.05 26.06 -24.90
N CYS A 12 22.35 25.12 -24.00
CA CYS A 12 21.65 24.98 -22.72
C CYS A 12 21.74 26.25 -21.87
N LYS A 13 20.68 26.54 -21.11
CA LYS A 13 20.64 27.75 -20.28
C LYS A 13 21.50 27.61 -19.02
N TYR A 14 21.98 26.40 -18.75
CA TYR A 14 22.94 26.16 -17.67
C TYR A 14 24.37 26.03 -18.22
N ALA A 15 24.60 26.50 -19.45
CA ALA A 15 25.92 26.45 -20.07
C ALA A 15 26.92 27.33 -19.33
N SER A 16 26.42 28.41 -18.73
CA SER A 16 27.25 29.30 -17.91
C SER A 16 27.58 28.73 -16.52
N SER A 17 27.12 27.51 -16.25
CA SER A 17 27.52 26.75 -15.05
C SER A 17 28.35 25.51 -15.42
N GLY A 18 28.78 25.43 -16.67
CA GLY A 18 29.63 24.33 -17.15
C GLY A 18 28.95 23.32 -18.06
N CYS A 19 27.69 23.55 -18.43
CA CYS A 19 27.00 22.63 -19.33
C CYS A 19 27.44 22.89 -20.77
N GLU A 20 28.54 22.27 -21.15
CA GLU A 20 29.11 22.42 -22.48
C GLU A 20 28.30 21.58 -23.47
N ILE A 21 27.03 21.96 -23.68
CA ILE A 21 26.12 21.22 -24.53
C ILE A 21 25.27 22.18 -25.34
N THR A 22 25.17 21.92 -26.65
CA THR A 22 24.42 22.77 -27.58
C THR A 22 23.48 21.92 -28.43
N LEU A 23 22.19 22.27 -28.43
CA LEU A 23 21.16 21.46 -29.11
C LEU A 23 20.07 22.31 -29.76
N PRO A 24 19.24 21.68 -30.64
CA PRO A 24 18.13 22.41 -31.29
C PRO A 24 17.04 22.89 -30.34
N HIS A 25 16.15 23.73 -30.85
CA HIS A 25 15.07 24.32 -30.05
C HIS A 25 14.05 23.29 -29.63
N THR A 26 13.86 22.26 -30.46
CA THR A 26 12.87 21.20 -30.19
C THR A 26 13.21 20.29 -28.99
N GLU A 27 14.50 20.18 -28.65
CA GLU A 27 14.94 19.32 -27.54
C GLU A 27 15.76 20.06 -26.47
N LYS A 28 15.64 21.39 -26.44
CA LYS A 28 16.35 22.19 -25.44
C LYS A 28 15.66 22.13 -24.07
N ALA A 29 14.36 22.36 -24.07
CA ALA A 29 13.55 22.34 -22.84
C ALA A 29 13.63 20.99 -22.12
N ASP A 30 13.67 19.92 -22.90
CA ASP A 30 13.64 18.56 -22.36
C ASP A 30 15.02 18.10 -21.86
N HIS A 31 16.06 18.83 -22.21
CA HIS A 31 17.40 18.60 -21.64
C HIS A 31 17.56 19.32 -20.33
N GLU A 32 17.08 20.57 -20.28
CA GLU A 32 17.26 21.44 -19.12
C GLU A 32 16.55 20.97 -17.85
N GLU A 33 15.50 20.17 -17.99
CA GLU A 33 14.84 19.56 -16.83
C GLU A 33 15.72 18.45 -16.24
N LEU A 34 16.35 17.68 -17.12
CA LEU A 34 17.17 16.53 -16.71
C LEU A 34 18.67 16.81 -16.82
N CYS A 35 19.07 18.07 -16.73
CA CYS A 35 20.48 18.45 -16.85
C CYS A 35 21.24 18.18 -15.56
N GLU A 36 22.52 17.83 -15.69
CA GLU A 36 23.40 17.62 -14.54
C GLU A 36 23.74 18.95 -13.84
N PHE A 37 23.89 20.00 -14.63
CA PHE A 37 24.36 21.31 -14.14
C PHE A 37 23.23 22.22 -13.69
N ARG A 38 22.00 21.71 -13.69
CA ARG A 38 20.84 22.43 -13.17
C ARG A 38 20.97 22.57 -11.64
N PRO A 39 20.48 23.68 -11.08
CA PRO A 39 20.53 23.86 -9.62
C PRO A 39 19.51 23.01 -8.86
N TYR A 40 19.87 22.60 -7.64
CA TYR A 40 19.02 21.78 -6.78
C TYR A 40 18.26 22.66 -5.79
N SER A 41 16.97 22.36 -5.58
CA SER A 41 16.18 23.01 -4.52
C SER A 41 16.33 22.24 -3.21
N CYS A 42 15.80 22.78 -2.11
CA CYS A 42 15.91 22.13 -0.80
C CYS A 42 14.99 20.91 -0.73
N PRO A 43 15.55 19.74 -0.36
CA PRO A 43 14.80 18.50 -0.40
C PRO A 43 13.76 18.34 0.71
N CYS A 44 13.81 19.19 1.74
CA CYS A 44 12.86 19.12 2.84
C CYS A 44 11.40 19.30 2.37
N PRO A 45 10.47 18.56 2.98
CA PRO A 45 9.06 18.65 2.60
C PRO A 45 8.45 19.97 3.02
N GLY A 46 7.53 20.49 2.21
CA GLY A 46 6.96 21.81 2.42
C GLY A 46 7.74 22.87 1.65
N ALA A 47 7.14 24.04 1.50
CA ALA A 47 7.74 25.15 0.75
C ALA A 47 8.39 26.21 1.64
N SER A 48 8.47 25.96 2.94
CA SER A 48 9.00 26.95 3.90
C SER A 48 10.43 27.35 3.55
N CYS A 49 11.27 26.35 3.27
CA CYS A 49 12.64 26.61 2.81
C CYS A 49 12.67 26.80 1.30
N LYS A 50 13.02 28.00 0.87
CA LYS A 50 13.09 28.35 -0.55
C LYS A 50 14.53 28.29 -1.09
N TRP A 51 15.40 27.54 -0.43
CA TRP A 51 16.83 27.54 -0.75
C TRP A 51 17.10 26.88 -2.07
N GLN A 52 18.18 27.32 -2.72
CA GLN A 52 18.63 26.73 -3.97
C GLN A 52 20.16 26.77 -4.08
N GLY A 53 20.73 25.79 -4.78
CA GLY A 53 22.19 25.68 -4.92
C GLY A 53 22.59 24.40 -5.63
N SER A 54 23.87 24.07 -5.59
CA SER A 54 24.39 22.86 -6.27
C SER A 54 24.35 21.61 -5.38
N LEU A 55 24.64 20.46 -5.98
CA LEU A 55 24.59 19.18 -5.27
C LEU A 55 25.58 19.16 -4.10
N ASP A 56 26.75 19.75 -4.35
CA ASP A 56 27.82 19.78 -3.36
C ASP A 56 27.49 20.69 -2.18
N ALA A 57 26.62 21.67 -2.41
CA ALA A 57 26.22 22.63 -1.38
C ALA A 57 25.00 22.17 -0.58
N VAL A 58 24.35 21.09 -1.03
CA VAL A 58 23.14 20.58 -0.37
C VAL A 58 23.42 20.10 1.04
N MET A 59 24.33 19.15 1.19
CA MET A 59 24.67 18.63 2.50
C MET A 59 25.06 19.78 3.45
N PRO A 60 25.99 20.64 3.02
CA PRO A 60 26.24 21.86 3.80
C PRO A 60 24.93 22.59 4.18
N HIS A 61 24.08 22.87 3.20
CA HIS A 61 22.82 23.58 3.46
C HIS A 61 21.98 22.88 4.49
N LEU A 62 21.84 21.56 4.35
CA LEU A 62 21.09 20.76 5.33
C LEU A 62 21.72 20.85 6.71
N MET A 63 23.02 20.60 6.78
CA MET A 63 23.73 20.59 8.05
C MET A 63 23.71 21.95 8.74
N HIS A 64 23.87 23.02 7.97
CA HIS A 64 23.93 24.39 8.51
C HIS A 64 22.59 24.93 8.89
N GLN A 65 21.61 24.84 7.98
CA GLN A 65 20.27 25.46 8.18
C GLN A 65 19.18 24.50 8.69
N HIS A 66 19.47 23.20 8.75
CA HIS A 66 18.50 22.21 9.26
C HIS A 66 19.15 21.25 10.24
N LYS A 67 19.61 21.79 11.36
CA LYS A 67 20.32 20.99 12.37
C LYS A 67 19.40 20.04 13.13
N SER A 68 18.09 20.32 13.07
CA SER A 68 17.10 19.49 13.76
C SER A 68 16.95 18.09 13.17
N ILE A 69 17.31 17.92 11.90
CA ILE A 69 17.11 16.64 11.20
C ILE A 69 18.17 15.63 11.61
N THR A 70 17.71 14.48 12.10
CA THR A 70 18.59 13.46 12.66
C THR A 70 19.04 12.50 11.58
N THR A 71 20.26 11.98 11.74
CA THR A 71 20.82 11.02 10.79
C THR A 71 21.18 9.73 11.53
N LEU A 72 20.62 8.61 11.07
CA LEU A 72 20.96 7.28 11.59
C LEU A 72 21.87 6.54 10.62
N GLN A 73 22.85 5.83 11.19
CA GLN A 73 23.76 5.00 10.42
C GLN A 73 23.17 3.60 10.28
N GLY A 74 23.12 3.10 9.05
CA GLY A 74 22.66 1.74 8.81
C GLY A 74 21.87 1.61 7.51
N GLU A 75 22.07 0.50 6.82
CA GLU A 75 21.26 0.15 5.65
C GLU A 75 19.84 -0.25 6.06
N ASP A 76 19.70 -0.71 7.31
CA ASP A 76 18.43 -1.19 7.83
C ASP A 76 18.14 -0.50 9.18
N ILE A 77 17.10 0.33 9.22
CA ILE A 77 16.77 1.13 10.40
C ILE A 77 15.26 1.18 10.68
N VAL A 78 14.88 1.82 11.79
CA VAL A 78 13.49 2.09 12.09
C VAL A 78 13.25 3.61 12.21
N PHE A 79 12.31 4.09 11.41
CA PHE A 79 11.93 5.51 11.35
C PHE A 79 10.61 5.63 12.12
N LEU A 80 10.69 6.10 13.37
CA LEU A 80 9.53 6.21 14.25
C LEU A 80 8.90 7.62 14.22
N ALA A 81 7.81 7.74 13.47
CA ALA A 81 7.05 8.98 13.41
C ALA A 81 6.13 9.08 14.63
N THR A 82 6.35 10.11 15.44
CA THR A 82 5.63 10.30 16.70
C THR A 82 4.46 11.27 16.55
N ASP A 83 3.42 11.05 17.37
CA ASP A 83 2.22 11.90 17.39
C ASP A 83 1.58 12.05 16.02
N ILE A 84 1.19 10.91 15.45
CA ILE A 84 0.71 10.86 14.06
C ILE A 84 -0.73 11.37 13.85
N ASN A 85 -1.47 11.60 14.94
CA ASN A 85 -2.87 12.03 14.83
C ASN A 85 -3.09 13.53 15.08
N LEU A 86 -1.99 14.27 15.28
CA LEU A 86 -2.07 15.72 15.39
C LEU A 86 -2.69 16.28 14.12
N PRO A 87 -3.87 16.94 14.24
CA PRO A 87 -4.60 17.34 13.03
C PRO A 87 -3.86 18.40 12.20
N GLY A 88 -4.25 18.51 10.94
CA GLY A 88 -3.63 19.44 10.01
C GLY A 88 -2.48 18.81 9.25
N ALA A 89 -1.87 19.58 8.36
CA ALA A 89 -0.71 19.11 7.60
C ALA A 89 0.46 18.90 8.55
N VAL A 90 1.15 17.77 8.39
CA VAL A 90 2.26 17.41 9.26
C VAL A 90 3.35 16.68 8.46
N ASP A 91 4.61 17.04 8.70
CA ASP A 91 5.77 16.42 8.05
C ASP A 91 6.64 15.72 9.08
N TRP A 92 7.26 14.61 8.68
CA TRP A 92 8.33 13.98 9.46
C TRP A 92 9.51 13.84 8.56
N VAL A 93 10.71 14.15 9.04
CA VAL A 93 11.92 14.05 8.22
C VAL A 93 13.09 13.48 9.00
N MET A 94 13.91 12.68 8.31
CA MET A 94 15.17 12.20 8.85
C MET A 94 16.05 11.79 7.70
N MET A 95 17.33 11.53 8.00
CA MET A 95 18.23 11.02 6.99
C MET A 95 18.79 9.67 7.40
N GLN A 96 19.16 8.89 6.40
CA GLN A 96 19.78 7.58 6.58
C GLN A 96 21.10 7.57 5.82
N SER A 97 22.18 7.26 6.53
CA SER A 97 23.50 7.15 5.93
C SER A 97 23.86 5.69 5.70
N CYS A 98 23.97 5.31 4.43
CA CYS A 98 24.48 3.98 4.09
C CYS A 98 25.06 3.95 2.68
N PHE A 99 25.93 2.97 2.45
CA PHE A 99 26.60 2.78 1.16
C PHE A 99 27.29 4.04 0.67
N GLY A 100 27.91 4.76 1.60
CA GLY A 100 28.68 5.96 1.29
C GLY A 100 27.83 7.10 0.74
N PHE A 101 26.53 7.06 1.05
CA PHE A 101 25.59 8.02 0.53
C PHE A 101 24.58 8.38 1.60
N HIS A 102 23.98 9.57 1.45
CA HIS A 102 22.92 10.03 2.34
C HIS A 102 21.59 9.96 1.65
N PHE A 103 20.60 9.47 2.39
CA PHE A 103 19.23 9.34 1.88
C PHE A 103 18.31 10.12 2.79
N MET A 104 17.26 10.71 2.22
CA MET A 104 16.29 11.47 2.99
C MET A 104 14.96 10.72 3.06
N LEU A 105 14.51 10.44 4.28
CA LEU A 105 13.30 9.67 4.52
C LEU A 105 12.18 10.60 4.98
N VAL A 106 11.15 10.75 4.15
CA VAL A 106 10.07 11.69 4.41
C VAL A 106 8.72 10.99 4.59
N LEU A 107 7.96 11.42 5.60
CA LEU A 107 6.57 11.00 5.76
C LEU A 107 5.68 12.24 5.84
N GLU A 108 4.80 12.41 4.85
CA GLU A 108 3.85 13.53 4.81
C GLU A 108 2.44 13.09 5.18
N LYS A 109 1.73 13.96 5.90
CA LYS A 109 0.32 13.74 6.22
C LYS A 109 -0.49 14.86 5.57
N GLN A 110 -1.38 14.50 4.65
CA GLN A 110 -2.16 15.49 3.91
C GLN A 110 -3.65 15.35 4.19
N GLU A 111 -4.26 16.44 4.62
CA GLU A 111 -5.71 16.48 4.86
C GLU A 111 -6.45 16.76 3.55
N GLY A 115 -11.66 14.90 2.61
CA GLY A 115 -11.97 15.07 4.02
C GLY A 115 -11.04 14.27 4.91
N HIS A 116 -10.88 12.99 4.57
CA HIS A 116 -9.98 12.09 5.31
C HIS A 116 -8.54 12.45 5.06
N GLN A 117 -7.70 12.13 6.05
CA GLN A 117 -6.27 12.42 5.98
C GLN A 117 -5.53 11.22 5.37
N GLN A 118 -4.50 11.49 4.58
CA GLN A 118 -3.69 10.43 3.99
C GLN A 118 -2.20 10.61 4.29
N PHE A 119 -1.52 9.50 4.51
CA PHE A 119 -0.06 9.48 4.73
C PHE A 119 0.66 9.11 3.44
N PHE A 120 1.74 9.83 3.16
CA PHE A 120 2.61 9.54 2.02
C PHE A 120 4.04 9.41 2.52
N ALA A 121 4.70 8.30 2.21
CA ALA A 121 6.06 8.02 2.69
C ALA A 121 6.97 7.70 1.51
N ILE A 122 8.14 8.35 1.47
CA ILE A 122 9.04 8.25 0.32
C ILE A 122 10.51 8.38 0.74
N VAL A 123 11.39 7.78 -0.05
CA VAL A 123 12.83 7.92 0.13
C VAL A 123 13.45 8.66 -1.06
N GLN A 124 14.45 9.48 -0.76
CA GLN A 124 14.99 10.43 -1.70
C GLN A 124 16.52 10.42 -1.57
N LEU A 125 17.23 10.07 -2.64
CA LEU A 125 18.69 10.06 -2.59
C LEU A 125 19.23 11.46 -2.68
N ILE A 126 20.16 11.79 -1.79
CA ILE A 126 20.94 13.02 -1.90
C ILE A 126 22.11 12.71 -2.84
N GLY A 127 21.81 12.81 -4.14
CA GLY A 127 22.76 12.50 -5.20
C GLY A 127 22.09 12.72 -6.55
N THR A 128 22.77 12.34 -7.62
CA THR A 128 22.24 12.54 -8.98
C THR A 128 21.23 11.46 -9.36
N ARG A 129 20.54 11.67 -10.48
CA ARG A 129 19.52 10.73 -10.95
C ARG A 129 20.11 9.38 -11.27
N LYS A 130 21.18 9.38 -12.04
CA LYS A 130 21.86 8.16 -12.44
C LYS A 130 22.43 7.42 -11.22
N GLN A 131 22.92 8.16 -10.24
CA GLN A 131 23.32 7.59 -8.96
C GLN A 131 22.15 6.90 -8.25
N ALA A 132 20.97 7.52 -8.34
CA ALA A 132 19.76 7.01 -7.68
C ALA A 132 19.31 5.65 -8.21
N GLU A 133 19.57 5.37 -9.48
CA GLU A 133 19.12 4.13 -10.11
C GLU A 133 19.85 2.88 -9.60
N ASN A 134 20.98 3.07 -8.94
CA ASN A 134 21.75 1.95 -8.38
C ASN A 134 21.12 1.35 -7.13
N PHE A 135 20.21 2.08 -6.51
CA PHE A 135 19.67 1.70 -5.21
C PHE A 135 18.21 1.26 -5.26
N ALA A 136 17.79 0.66 -4.14
CA ALA A 136 16.42 0.27 -3.92
C ALA A 136 16.10 0.51 -2.46
N TYR A 137 14.87 0.94 -2.16
CA TYR A 137 14.42 1.10 -0.78
C TYR A 137 13.14 0.33 -0.51
N ARG A 138 12.95 -0.04 0.75
CA ARG A 138 11.78 -0.80 1.18
C ARG A 138 11.24 -0.21 2.46
N LEU A 139 9.96 0.14 2.45
CA LEU A 139 9.25 0.64 3.63
C LEU A 139 8.27 -0.43 4.14
N GLU A 140 8.27 -0.67 5.45
CA GLU A 140 7.39 -1.66 6.08
C GLU A 140 6.59 -1.05 7.22
N LEU A 141 5.30 -1.40 7.30
CA LEU A 141 4.50 -1.20 8.50
C LEU A 141 4.14 -2.57 9.06
N ASN A 142 4.24 -2.73 10.37
CA ASN A 142 4.02 -4.04 11.01
C ASN A 142 2.98 -4.01 12.13
N GLY A 143 2.07 -4.97 12.10
CA GLY A 143 0.97 -5.04 13.06
C GLY A 143 0.65 -6.45 13.48
N HIS A 144 -0.50 -6.62 14.12
CA HIS A 144 -0.95 -7.91 14.62
C HIS A 144 -1.38 -8.74 13.44
N ARG A 145 -0.43 -9.50 12.88
CA ARG A 145 -0.67 -10.38 11.72
C ARG A 145 -1.05 -9.58 10.48
N ARG A 146 -0.35 -8.47 10.28
CA ARG A 146 -0.56 -7.55 9.15
C ARG A 146 0.76 -6.90 8.77
N ARG A 147 1.03 -6.78 7.47
CA ARG A 147 2.25 -6.10 7.01
C ARG A 147 2.13 -5.49 5.62
N LEU A 148 2.19 -4.17 5.55
CA LEU A 148 2.12 -3.43 4.29
C LEU A 148 3.53 -3.02 3.88
N THR A 149 3.91 -3.32 2.64
CA THR A 149 5.28 -3.07 2.18
C THR A 149 5.32 -2.41 0.82
N TRP A 150 6.01 -1.27 0.73
CA TRP A 150 6.29 -0.61 -0.55
C TRP A 150 7.75 -0.72 -0.85
N GLU A 151 8.06 -1.04 -2.10
CA GLU A 151 9.45 -1.06 -2.57
C GLU A 151 9.55 -0.31 -3.89
N ALA A 152 10.60 0.49 -4.03
CA ALA A 152 10.83 1.21 -5.28
C ALA A 152 12.26 1.74 -5.37
N THR A 153 12.58 2.34 -6.51
CA THR A 153 13.84 3.04 -6.69
C THR A 153 13.73 4.41 -6.03
N PRO A 154 14.74 4.81 -5.24
CA PRO A 154 14.68 6.15 -4.64
C PRO A 154 14.80 7.26 -5.69
N ARG A 155 14.14 8.38 -5.43
CA ARG A 155 14.18 9.51 -6.34
C ARG A 155 15.38 10.37 -6.00
N SER A 156 16.03 10.91 -7.03
CA SER A 156 17.05 11.92 -6.81
C SER A 156 16.39 13.22 -6.37
N ILE A 157 16.99 13.90 -5.39
CA ILE A 157 16.50 15.20 -4.95
C ILE A 157 16.44 16.19 -6.12
N HIS A 158 17.14 15.86 -7.20
CA HIS A 158 17.07 16.62 -8.45
C HIS A 158 15.69 16.61 -9.05
N GLU A 159 14.99 15.48 -8.92
CA GLU A 159 13.58 15.37 -9.34
C GLU A 159 12.65 16.05 -8.35
N GLY A 160 12.74 15.62 -7.10
CA GLY A 160 11.82 16.05 -6.05
C GLY A 160 10.78 14.98 -5.76
N ILE A 161 9.96 15.21 -4.74
CA ILE A 161 8.87 14.30 -4.38
C ILE A 161 7.49 14.84 -4.75
N ALA A 162 7.40 16.10 -5.16
CA ALA A 162 6.13 16.74 -5.43
C ALA A 162 5.29 15.91 -6.39
N THR A 163 5.81 15.71 -7.60
CA THR A 163 5.11 14.94 -8.63
C THR A 163 5.01 13.46 -8.27
N ALA A 164 6.01 12.95 -7.57
CA ALA A 164 5.96 11.57 -7.05
C ALA A 164 4.76 11.43 -6.11
N ILE A 165 4.68 12.33 -5.13
CA ILE A 165 3.59 12.34 -4.15
C ILE A 165 2.24 12.59 -4.82
N MET A 166 2.23 13.47 -5.82
CA MET A 166 1.00 13.78 -6.54
C MET A 166 0.49 12.59 -7.36
N ASN A 167 1.43 11.79 -7.89
CA ASN A 167 1.07 10.57 -8.64
C ASN A 167 0.85 9.35 -7.75
N SER A 168 0.95 9.54 -6.43
CA SER A 168 0.88 8.45 -5.47
C SER A 168 1.90 7.35 -5.81
N ASP A 169 3.11 7.80 -6.16
CA ASP A 169 4.17 6.90 -6.61
C ASP A 169 5.08 6.59 -5.42
N CYS A 170 4.50 6.04 -4.37
CA CYS A 170 5.20 5.78 -3.12
C CYS A 170 4.28 5.01 -2.18
N LEU A 171 4.68 4.83 -0.93
CA LEU A 171 3.80 4.22 0.06
C LEU A 171 2.72 5.23 0.46
N VAL A 172 1.47 4.90 0.15
CA VAL A 172 0.33 5.76 0.46
C VAL A 172 -0.66 5.00 1.35
N PHE A 173 -1.07 5.62 2.45
CA PHE A 173 -2.06 4.99 3.33
C PHE A 173 -2.79 6.01 4.19
N ASP A 174 -4.08 5.77 4.41
CA ASP A 174 -4.92 6.68 5.18
C ASP A 174 -4.79 6.43 6.68
N THR A 175 -5.47 7.24 7.49
CA THR A 175 -5.34 7.18 8.95
C THR A 175 -5.94 5.92 9.57
N SER A 176 -6.93 5.32 8.90
CA SER A 176 -7.55 4.09 9.41
C SER A 176 -6.51 2.96 9.41
N ILE A 177 -5.77 2.83 8.32
CA ILE A 177 -4.65 1.92 8.25
C ILE A 177 -3.67 2.25 9.37
N ALA A 178 -3.27 3.52 9.42
CA ALA A 178 -2.33 4.01 10.42
C ALA A 178 -2.62 3.42 11.82
N GLN A 179 -3.89 3.44 12.21
CA GLN A 179 -4.30 2.95 13.53
C GLN A 179 -4.05 1.44 13.73
N LEU A 180 -4.04 0.68 12.64
CA LEU A 180 -3.72 -0.75 12.69
C LEU A 180 -2.24 -0.99 12.99
N PHE A 181 -1.39 -0.04 12.63
CA PHE A 181 0.07 -0.19 12.72
C PHE A 181 0.74 0.69 13.76
N ALA A 182 -0.05 1.51 14.47
CA ALA A 182 0.50 2.48 15.41
C ALA A 182 0.08 2.18 16.84
N GLU A 183 0.95 2.52 17.80
CA GLU A 183 0.61 2.39 19.22
C GLU A 183 0.79 3.71 19.99
N ASN A 184 -0.34 4.26 20.45
CA ASN A 184 -0.38 5.52 21.20
C ASN A 184 0.23 6.70 20.44
N GLY A 185 -0.15 6.83 19.17
CA GLY A 185 0.31 7.93 18.33
C GLY A 185 1.77 7.83 17.94
N ASN A 186 2.21 6.61 17.65
CA ASN A 186 3.57 6.35 17.18
C ASN A 186 3.52 5.32 16.07
N LEU A 187 4.06 5.67 14.91
CA LEU A 187 4.14 4.75 13.78
C LEU A 187 5.60 4.45 13.47
N GLY A 188 5.94 3.16 13.50
CA GLY A 188 7.29 2.71 13.17
C GLY A 188 7.38 2.22 11.73
N ILE A 189 8.26 2.84 10.95
CA ILE A 189 8.43 2.46 9.55
C ILE A 189 9.82 1.85 9.37
N ASN A 190 9.87 0.53 9.18
CA ASN A 190 11.13 -0.16 8.94
C ASN A 190 11.66 0.19 7.54
N VAL A 191 12.67 1.04 7.49
CA VAL A 191 13.25 1.46 6.22
C VAL A 191 14.53 0.68 5.93
N THR A 192 14.58 0.03 4.77
CA THR A 192 15.75 -0.72 4.33
C THR A 192 16.21 -0.24 2.97
N ILE A 193 17.42 0.31 2.93
CA ILE A 193 18.04 0.69 1.66
C ILE A 193 18.97 -0.44 1.23
N SER A 194 19.06 -0.65 -0.08
CA SER A 194 19.93 -1.68 -0.64
C SER A 194 20.48 -1.25 -1.99
N MET A 195 21.51 -1.94 -2.45
CA MET A 195 22.10 -1.69 -3.76
C MET A 195 21.61 -2.72 -4.78
N CYS A 196 21.79 -2.40 -6.05
CA CYS A 196 21.49 -3.32 -7.15
C CYS A 196 22.17 -2.89 -8.44
N LEU B 3 20.74 -6.00 13.34
CA LEU B 3 19.64 -5.38 14.13
C LEU B 3 19.02 -4.20 13.38
N ARG B 4 18.38 -3.29 14.13
CA ARG B 4 17.67 -2.14 13.57
C ARG B 4 17.67 -1.00 14.59
N PRO B 5 18.52 0.02 14.37
CA PRO B 5 18.47 1.19 15.26
C PRO B 5 17.21 2.04 15.06
N VAL B 6 16.75 2.68 16.12
CA VAL B 6 15.47 3.41 16.12
C VAL B 6 15.68 4.92 16.28
N MET B 8 13.71 8.43 16.83
CA MET B 8 12.44 9.03 17.27
C MET B 8 12.28 10.39 16.58
N VAL B 9 11.61 10.41 15.44
CA VAL B 9 11.41 11.65 14.69
C VAL B 9 10.13 12.35 15.13
N ARG B 10 10.24 13.67 15.35
CA ARG B 10 9.10 14.48 15.77
C ARG B 10 8.48 15.20 14.59
N PRO B 11 7.19 15.52 14.70
CA PRO B 11 6.49 16.19 13.60
C PRO B 11 6.88 17.66 13.43
N THR B 12 6.93 18.09 12.16
CA THR B 12 7.03 19.52 11.82
C THR B 12 5.68 19.92 11.23
N VAL B 13 5.06 20.96 11.78
CA VAL B 13 3.74 21.40 11.33
C VAL B 13 3.80 22.82 10.77
N VAL C 8 -30.08 -13.91 35.95
CA VAL C 8 -30.94 -14.43 34.84
C VAL C 8 -30.10 -14.75 33.61
N LEU C 9 -30.29 -15.94 33.06
CA LEU C 9 -29.55 -16.40 31.89
C LEU C 9 -30.47 -16.46 30.67
N PHE C 10 -30.11 -15.73 29.61
CA PHE C 10 -30.85 -15.78 28.36
C PHE C 10 -30.14 -16.70 27.36
N PRO C 11 -30.89 -17.64 26.74
CA PRO C 11 -30.26 -18.51 25.74
C PRO C 11 -29.97 -17.79 24.43
N CYS C 12 -28.99 -18.31 23.69
CA CYS C 12 -28.65 -17.79 22.37
C CYS C 12 -29.81 -18.01 21.40
N LYS C 13 -29.97 -17.10 20.44
CA LYS C 13 -31.03 -17.24 19.43
C LYS C 13 -30.65 -18.24 18.33
N TYR C 14 -29.39 -18.69 18.33
CA TYR C 14 -28.94 -19.76 17.43
C TYR C 14 -28.73 -21.08 18.17
N ALA C 15 -29.41 -21.23 19.31
CA ALA C 15 -29.35 -22.47 20.10
C ALA C 15 -30.08 -23.61 19.39
N SER C 16 -31.02 -23.26 18.52
CA SER C 16 -31.72 -24.23 17.66
C SER C 16 -30.76 -24.97 16.74
N SER C 17 -29.65 -24.33 16.38
CA SER C 17 -28.65 -24.91 15.48
C SER C 17 -27.44 -25.54 16.20
N GLY C 18 -27.62 -25.93 17.45
CA GLY C 18 -26.60 -26.69 18.19
C GLY C 18 -25.72 -25.90 19.15
N CYS C 19 -25.99 -24.60 19.31
CA CYS C 19 -25.28 -23.78 20.28
C CYS C 19 -25.92 -23.95 21.67
N GLU C 20 -25.39 -24.88 22.44
CA GLU C 20 -25.96 -25.21 23.75
C GLU C 20 -25.58 -24.20 24.86
N ILE C 21 -24.97 -23.08 24.47
CA ILE C 21 -24.49 -22.06 25.42
C ILE C 21 -25.61 -21.12 25.88
N THR C 22 -25.54 -20.68 27.13
CA THR C 22 -26.58 -19.83 27.75
C THR C 22 -26.01 -18.86 28.79
N LEU C 23 -26.17 -17.56 28.56
CA LEU C 23 -25.59 -16.52 29.43
C LEU C 23 -26.42 -15.20 29.40
N PRO C 24 -26.14 -14.24 30.33
CA PRO C 24 -26.99 -13.05 30.52
C PRO C 24 -27.16 -12.08 29.35
N HIS C 25 -28.14 -11.18 29.47
CA HIS C 25 -28.45 -10.18 28.45
C HIS C 25 -27.26 -9.31 28.12
N THR C 26 -26.41 -9.06 29.12
CA THR C 26 -25.19 -8.28 28.94
C THR C 26 -24.29 -8.87 27.84
N GLU C 27 -23.97 -10.16 27.97
CA GLU C 27 -23.02 -10.81 27.05
C GLU C 27 -23.70 -11.57 25.91
N LYS C 28 -24.85 -12.18 26.18
CA LYS C 28 -25.62 -12.89 25.13
C LYS C 28 -25.62 -12.12 23.82
N ALA C 29 -25.94 -10.84 23.90
CA ALA C 29 -25.99 -9.96 22.72
C ALA C 29 -24.64 -9.93 21.98
N ASP C 30 -23.59 -10.40 22.64
CA ASP C 30 -22.25 -10.46 22.05
C ASP C 30 -21.87 -11.87 21.58
N HIS C 31 -22.57 -12.87 22.10
CA HIS C 31 -22.32 -14.26 21.71
C HIS C 31 -23.00 -14.60 20.41
N GLU C 32 -23.91 -13.73 19.96
CA GLU C 32 -24.67 -13.96 18.73
C GLU C 32 -23.93 -13.46 17.50
N GLU C 33 -23.18 -12.36 17.64
CA GLU C 33 -22.43 -11.79 16.52
C GLU C 33 -21.17 -12.61 16.18
N LEU C 34 -20.72 -13.45 17.10
CA LEU C 34 -19.58 -14.35 16.88
C LEU C 34 -19.91 -15.81 17.21
N CYS C 35 -21.20 -16.16 17.17
CA CYS C 35 -21.63 -17.55 17.43
C CYS C 35 -21.13 -18.46 16.32
N GLU C 36 -20.48 -19.55 16.70
CA GLU C 36 -19.94 -20.51 15.74
C GLU C 36 -21.07 -21.14 14.92
N PHE C 37 -22.10 -21.60 15.61
CA PHE C 37 -23.21 -22.32 14.98
C PHE C 37 -24.34 -21.38 14.57
N ARG C 38 -24.02 -20.41 13.72
CA ARG C 38 -25.03 -19.53 13.13
C ARG C 38 -24.85 -19.47 11.60
N PRO C 39 -25.95 -19.25 10.86
CA PRO C 39 -25.94 -19.25 9.39
C PRO C 39 -24.87 -18.38 8.75
N TYR C 40 -24.18 -18.95 7.76
CA TYR C 40 -23.28 -18.20 6.90
C TYR C 40 -24.08 -17.61 5.74
N SER C 41 -24.01 -16.29 5.57
CA SER C 41 -24.60 -15.64 4.40
C SER C 41 -23.63 -15.74 3.22
N CYS C 42 -24.07 -15.30 2.03
CA CYS C 42 -23.28 -15.45 0.81
C CYS C 42 -22.01 -14.59 0.83
N PRO C 43 -20.84 -15.22 0.65
CA PRO C 43 -19.56 -14.49 0.70
C PRO C 43 -19.25 -13.65 -0.53
N CYS C 44 -20.08 -13.73 -1.57
CA CYS C 44 -19.90 -12.90 -2.75
C CYS C 44 -20.19 -11.44 -2.43
N PRO C 45 -19.43 -10.52 -3.07
CA PRO C 45 -19.59 -9.10 -2.78
C PRO C 45 -20.93 -8.55 -3.27
N GLY C 46 -21.39 -7.48 -2.63
CA GLY C 46 -22.67 -6.86 -2.96
C GLY C 46 -23.83 -7.55 -2.28
N ALA C 47 -24.79 -6.77 -1.80
CA ALA C 47 -25.93 -7.29 -1.05
C ALA C 47 -27.09 -7.68 -1.96
N SER C 48 -26.79 -8.49 -2.97
CA SER C 48 -27.79 -8.96 -3.92
C SER C 48 -28.32 -10.33 -3.50
N CYS C 49 -27.42 -11.29 -3.38
CA CYS C 49 -27.76 -12.65 -2.99
C CYS C 49 -28.07 -12.73 -1.51
N LYS C 50 -29.26 -13.22 -1.17
CA LYS C 50 -29.68 -13.38 0.22
C LYS C 50 -29.63 -14.86 0.64
N TRP C 51 -28.64 -15.58 0.15
CA TRP C 51 -28.49 -16.99 0.49
C TRP C 51 -28.05 -17.14 1.92
N GLN C 52 -28.46 -18.25 2.54
CA GLN C 52 -28.23 -18.49 3.96
C GLN C 52 -28.12 -20.00 4.21
N GLY C 53 -27.07 -20.42 4.90
CA GLY C 53 -26.87 -21.84 5.21
C GLY C 53 -25.67 -22.11 6.11
N SER C 54 -25.31 -23.39 6.23
CA SER C 54 -24.15 -23.79 7.03
C SER C 54 -22.87 -23.75 6.18
N LEU C 55 -21.74 -23.90 6.84
CA LEU C 55 -20.42 -23.84 6.18
C LEU C 55 -20.28 -24.90 5.09
N ASP C 56 -20.73 -26.12 5.38
CA ASP C 56 -20.65 -27.22 4.42
C ASP C 56 -21.50 -26.93 3.19
N ALA C 57 -22.58 -26.17 3.36
CA ALA C 57 -23.49 -25.82 2.27
C ALA C 57 -22.93 -24.73 1.35
N VAL C 58 -21.90 -24.02 1.80
CA VAL C 58 -21.40 -22.82 1.11
C VAL C 58 -20.82 -23.09 -0.27
N MET C 59 -19.87 -24.02 -0.34
CA MET C 59 -19.19 -24.34 -1.61
C MET C 59 -20.16 -24.84 -2.67
N PRO C 60 -21.07 -25.77 -2.31
CA PRO C 60 -22.11 -26.19 -3.26
C PRO C 60 -22.94 -25.02 -3.82
N HIS C 61 -23.39 -24.14 -2.94
CA HIS C 61 -24.18 -22.97 -3.37
C HIS C 61 -23.44 -22.13 -4.36
N LEU C 62 -22.17 -21.84 -4.07
CA LEU C 62 -21.33 -21.07 -4.98
C LEU C 62 -21.33 -21.67 -6.37
N MET C 63 -20.98 -22.94 -6.47
CA MET C 63 -20.91 -23.65 -7.75
C MET C 63 -22.27 -23.78 -8.43
N HIS C 64 -23.33 -23.84 -7.63
CA HIS C 64 -24.69 -23.96 -8.16
C HIS C 64 -25.18 -22.62 -8.63
N GLN C 65 -25.21 -21.65 -7.72
CA GLN C 65 -25.84 -20.34 -7.98
C GLN C 65 -24.90 -19.33 -8.65
N HIS C 66 -23.59 -19.45 -8.41
CA HIS C 66 -22.60 -18.55 -9.00
C HIS C 66 -21.63 -19.31 -9.87
N LYS C 67 -22.14 -19.76 -11.01
CA LYS C 67 -21.41 -20.66 -11.93
C LYS C 67 -20.16 -20.01 -12.52
N SER C 68 -20.22 -18.70 -12.75
CA SER C 68 -19.16 -17.99 -13.47
C SER C 68 -17.85 -17.81 -12.70
N ILE C 69 -17.86 -18.02 -11.38
CA ILE C 69 -16.68 -17.83 -10.55
C ILE C 69 -15.63 -18.91 -10.81
N THR C 70 -14.47 -18.49 -11.31
CA THR C 70 -13.38 -19.40 -11.64
C THR C 70 -12.64 -19.87 -10.38
N THR C 71 -12.12 -21.10 -10.44
CA THR C 71 -11.26 -21.62 -9.38
C THR C 71 -9.90 -22.01 -9.98
N LEU C 72 -8.82 -21.58 -9.33
CA LEU C 72 -7.46 -21.97 -9.73
C LEU C 72 -6.81 -22.84 -8.65
N GLN C 73 -6.25 -23.97 -9.07
CA GLN C 73 -5.51 -24.84 -8.17
C GLN C 73 -4.11 -24.28 -7.97
N GLY C 74 -3.65 -24.25 -6.72
CA GLY C 74 -2.26 -23.88 -6.42
C GLY C 74 -2.16 -22.88 -5.28
N GLU C 75 -1.01 -22.88 -4.61
CA GLU C 75 -0.77 -21.98 -3.49
C GLU C 75 -0.13 -20.66 -3.89
N ASP C 76 0.06 -20.45 -5.19
CA ASP C 76 0.70 -19.23 -5.70
C ASP C 76 0.28 -18.93 -7.13
N ILE C 77 -0.67 -17.99 -7.29
CA ILE C 77 -1.28 -17.71 -8.60
C ILE C 77 -1.26 -16.21 -8.95
N VAL C 78 -1.86 -15.87 -10.09
CA VAL C 78 -1.99 -14.48 -10.54
C VAL C 78 -3.45 -14.14 -10.83
N PHE C 79 -4.05 -13.38 -9.91
CA PHE C 79 -5.41 -12.86 -10.05
C PHE C 79 -5.38 -11.61 -10.92
N LEU C 80 -5.89 -11.73 -12.14
CA LEU C 80 -5.82 -10.66 -13.14
C LEU C 80 -7.16 -9.96 -13.36
N ALA C 81 -7.38 -8.87 -12.63
CA ALA C 81 -8.61 -8.08 -12.75
C ALA C 81 -8.59 -7.22 -13.99
N THR C 82 -9.36 -7.61 -15.00
CA THR C 82 -9.41 -6.87 -16.26
C THR C 82 -10.33 -5.67 -16.17
N ASP C 83 -10.11 -4.72 -17.07
CA ASP C 83 -10.94 -3.52 -17.18
C ASP C 83 -11.09 -2.79 -15.85
N ILE C 84 -9.95 -2.52 -15.19
CA ILE C 84 -9.94 -1.84 -13.90
C ILE C 84 -10.55 -0.43 -13.96
N ASN C 85 -10.44 0.21 -15.11
CA ASN C 85 -10.89 1.61 -15.28
C ASN C 85 -12.40 1.80 -15.42
N LEU C 86 -13.17 0.72 -15.51
CA LEU C 86 -14.62 0.83 -15.68
C LEU C 86 -15.29 1.50 -14.47
N PRO C 87 -16.44 2.17 -14.69
CA PRO C 87 -16.96 3.11 -13.70
C PRO C 87 -17.91 2.52 -12.67
N GLY C 88 -18.30 3.37 -11.71
CA GLY C 88 -19.25 2.99 -10.67
C GLY C 88 -18.67 2.01 -9.69
N ALA C 89 -19.54 1.38 -8.90
CA ALA C 89 -19.15 0.30 -8.00
C ALA C 89 -18.89 -0.96 -8.83
N VAL C 90 -17.73 -1.59 -8.62
CA VAL C 90 -17.30 -2.72 -9.43
C VAL C 90 -16.59 -3.79 -8.59
N ASP C 91 -16.81 -5.06 -8.93
CA ASP C 91 -16.26 -6.19 -8.18
C ASP C 91 -15.56 -7.17 -9.09
N TRP C 92 -14.42 -7.69 -8.64
CA TRP C 92 -13.80 -8.86 -9.24
C TRP C 92 -13.79 -9.95 -8.21
N VAL C 93 -14.06 -11.18 -8.64
CA VAL C 93 -14.10 -12.33 -7.72
C VAL C 93 -13.55 -13.58 -8.39
N MET C 94 -12.70 -14.30 -7.65
CA MET C 94 -12.29 -15.65 -8.03
C MET C 94 -12.01 -16.45 -6.77
N MET C 95 -11.72 -17.73 -6.94
CA MET C 95 -11.34 -18.58 -5.82
C MET C 95 -10.03 -19.29 -6.11
N GLN C 96 -9.33 -19.66 -5.03
CA GLN C 96 -8.04 -20.34 -5.12
C GLN C 96 -8.10 -21.58 -4.24
N SER C 97 -7.78 -22.73 -4.83
CA SER C 97 -7.83 -24.01 -4.12
C SER C 97 -6.42 -24.45 -3.72
N CYS C 98 -6.15 -24.43 -2.42
CA CYS C 98 -4.88 -24.94 -1.88
C CYS C 98 -5.06 -25.47 -0.46
N PHE C 99 -4.23 -26.45 -0.10
CA PHE C 99 -4.24 -27.04 1.25
C PHE C 99 -5.60 -27.61 1.64
N GLY C 100 -6.31 -28.20 0.68
CA GLY C 100 -7.61 -28.79 0.92
C GLY C 100 -8.68 -27.81 1.32
N PHE C 101 -8.54 -26.56 0.87
CA PHE C 101 -9.45 -25.48 1.22
C PHE C 101 -9.69 -24.58 0.02
N HIS C 102 -10.78 -23.81 0.08
CA HIS C 102 -11.10 -22.84 -0.94
C HIS C 102 -11.06 -21.45 -0.37
N PHE C 103 -10.35 -20.56 -1.04
CA PHE C 103 -10.19 -19.17 -0.60
C PHE C 103 -10.86 -18.25 -1.61
N MET C 104 -11.65 -17.30 -1.13
CA MET C 104 -12.33 -16.35 -2.01
C MET C 104 -11.52 -15.07 -2.12
N LEU C 105 -10.98 -14.82 -3.30
CA LEU C 105 -10.23 -13.60 -3.57
C LEU C 105 -11.18 -12.53 -4.09
N VAL C 106 -11.17 -11.37 -3.45
CA VAL C 106 -12.03 -10.26 -3.86
C VAL C 106 -11.23 -9.00 -4.16
N LEU C 107 -11.64 -8.29 -5.21
CA LEU C 107 -11.22 -6.90 -5.46
C LEU C 107 -12.47 -6.04 -5.61
N GLU C 108 -12.59 -5.00 -4.79
CA GLU C 108 -13.68 -4.02 -4.89
C GLU C 108 -13.16 -2.67 -5.36
N LYS C 109 -14.07 -1.85 -5.89
CA LYS C 109 -13.77 -0.48 -6.31
C LYS C 109 -14.85 0.43 -5.73
N GLN C 110 -14.49 1.34 -4.80
CA GLN C 110 -15.49 2.17 -4.12
C GLN C 110 -15.25 3.69 -4.20
N GLU C 111 -16.34 4.34 -3.82
CA GLU C 111 -16.64 5.74 -4.01
C GLU C 111 -16.49 6.50 -2.69
N ASP C 114 -16.39 11.53 -1.32
CA ASP C 114 -17.24 10.93 -2.36
C ASP C 114 -17.01 11.50 -3.75
N GLY C 115 -15.82 11.28 -4.23
CA GLY C 115 -15.56 11.27 -5.61
C GLY C 115 -14.18 10.67 -5.73
N HIS C 116 -13.78 9.93 -4.69
CA HIS C 116 -12.47 9.34 -4.63
C HIS C 116 -12.63 7.91 -5.02
N GLN C 117 -12.02 7.38 -6.04
CA GLN C 117 -12.14 5.96 -6.30
C GLN C 117 -10.95 5.19 -5.74
N GLN C 118 -11.25 4.26 -4.82
CA GLN C 118 -10.22 3.41 -4.22
C GLN C 118 -10.47 1.94 -4.55
N PHE C 119 -9.40 1.15 -4.49
CA PHE C 119 -9.47 -0.29 -4.70
C PHE C 119 -9.19 -1.02 -3.38
N PHE C 120 -9.83 -2.17 -3.21
CA PHE C 120 -9.71 -2.94 -1.98
C PHE C 120 -9.55 -4.42 -2.32
N ALA C 121 -8.36 -4.96 -2.07
CA ALA C 121 -8.06 -6.37 -2.33
C ALA C 121 -7.97 -7.13 -1.02
N ILE C 122 -8.70 -8.25 -0.92
CA ILE C 122 -8.75 -9.02 0.32
C ILE C 122 -9.01 -10.50 0.03
N VAL C 123 -8.34 -11.37 0.78
CA VAL C 123 -8.54 -12.81 0.70
C VAL C 123 -9.38 -13.29 1.89
N GLN C 124 -10.23 -14.27 1.63
CA GLN C 124 -11.25 -14.71 2.57
C GLN C 124 -11.30 -16.23 2.58
N LEU C 125 -11.18 -16.86 3.76
CA LEU C 125 -11.28 -18.31 3.88
C LEU C 125 -12.74 -18.77 3.87
N ILE C 126 -13.03 -19.78 3.07
CA ILE C 126 -14.29 -20.50 3.18
C ILE C 126 -14.11 -21.56 4.27
N GLY C 127 -14.39 -21.14 5.51
CA GLY C 127 -14.21 -21.98 6.69
C GLY C 127 -14.47 -21.18 7.95
N THR C 128 -14.33 -21.82 9.12
CA THR C 128 -14.54 -21.15 10.40
C THR C 128 -13.37 -20.22 10.73
N ARG C 129 -13.51 -19.46 11.81
CA ARG C 129 -12.46 -18.51 12.21
C ARG C 129 -11.20 -19.22 12.71
N LYS C 130 -11.37 -20.24 13.56
CA LYS C 130 -10.24 -21.02 14.07
C LYS C 130 -9.41 -21.63 12.94
N GLN C 131 -10.10 -22.15 11.93
CA GLN C 131 -9.44 -22.65 10.73
C GLN C 131 -8.64 -21.54 10.03
N ALA C 132 -9.25 -20.37 9.86
CA ALA C 132 -8.60 -19.24 9.18
C ALA C 132 -7.33 -18.76 9.87
N GLU C 133 -7.25 -18.94 11.18
CA GLU C 133 -6.07 -18.55 11.95
C GLU C 133 -4.81 -19.31 11.54
N ASN C 134 -4.99 -20.50 10.95
CA ASN C 134 -3.85 -21.32 10.54
C ASN C 134 -3.17 -20.86 9.24
N PHE C 135 -3.78 -19.91 8.53
CA PHE C 135 -3.27 -19.49 7.22
C PHE C 135 -2.75 -18.05 7.18
N ALA C 136 -2.03 -17.77 6.10
CA ALA C 136 -1.49 -16.44 5.83
C ALA C 136 -1.50 -16.20 4.33
N TYR C 137 -1.82 -14.97 3.91
CA TYR C 137 -1.85 -14.64 2.48
C TYR C 137 -1.08 -13.37 2.13
N ARG C 138 -0.70 -13.27 0.86
CA ARG C 138 0.13 -12.17 0.35
C ARG C 138 -0.37 -11.67 -0.99
N LEU C 139 -0.85 -10.43 -1.01
CA LEU C 139 -1.21 -9.77 -2.26
C LEU C 139 -0.05 -8.88 -2.73
N GLU C 140 0.40 -9.10 -3.97
CA GLU C 140 1.55 -8.38 -4.55
C GLU C 140 1.20 -7.67 -5.84
N LEU C 141 1.21 -6.33 -5.83
CA LEU C 141 1.15 -5.55 -7.06
C LEU C 141 2.57 -5.26 -7.55
N ASN C 142 2.89 -5.69 -8.78
CA ASN C 142 4.24 -5.56 -9.33
C ASN C 142 4.26 -4.71 -10.60
N GLY C 143 5.16 -3.73 -10.63
CA GLY C 143 5.32 -2.85 -11.79
C GLY C 143 6.78 -2.64 -12.14
N HIS C 144 7.05 -1.62 -12.95
CA HIS C 144 8.42 -1.33 -13.38
C HIS C 144 9.21 -0.73 -12.26
N ARG C 145 10.04 -1.55 -11.61
CA ARG C 145 10.87 -1.11 -10.49
C ARG C 145 10.02 -0.54 -9.36
N ARG C 146 8.84 -1.13 -9.18
CA ARG C 146 7.87 -0.74 -8.17
C ARG C 146 7.14 -1.98 -7.68
N ARG C 147 6.91 -2.06 -6.37
CA ARG C 147 6.25 -3.21 -5.80
C ARG C 147 5.54 -2.83 -4.50
N LEU C 148 4.24 -3.13 -4.46
CA LEU C 148 3.43 -2.91 -3.27
C LEU C 148 2.95 -4.26 -2.77
N THR C 149 3.17 -4.53 -1.48
CA THR C 149 2.77 -5.81 -0.88
C THR C 149 1.90 -5.63 0.35
N TRP C 150 0.96 -6.55 0.51
CA TRP C 150 0.13 -6.66 1.69
C TRP C 150 0.11 -8.10 2.13
N GLU C 151 0.34 -8.33 3.42
CA GLU C 151 0.32 -9.69 3.98
C GLU C 151 -0.52 -9.71 5.25
N ALA C 152 -1.42 -10.67 5.36
CA ALA C 152 -2.27 -10.78 6.55
C ALA C 152 -2.89 -12.17 6.72
N THR C 153 -3.59 -12.35 7.84
CA THR C 153 -4.36 -13.58 8.09
C THR C 153 -5.71 -13.47 7.40
N PRO C 154 -6.05 -14.47 6.56
CA PRO C 154 -7.32 -14.40 5.86
C PRO C 154 -8.51 -14.51 6.80
N ARG C 155 -9.54 -13.71 6.54
CA ARG C 155 -10.72 -13.64 7.41
C ARG C 155 -11.66 -14.78 7.04
N SER C 156 -12.34 -15.33 8.04
CA SER C 156 -13.35 -16.35 7.79
C SER C 156 -14.50 -15.73 7.01
N ILE C 157 -15.12 -16.48 6.10
CA ILE C 157 -16.32 -15.97 5.42
C ILE C 157 -17.47 -15.73 6.41
N HIS C 158 -17.22 -16.04 7.68
CA HIS C 158 -18.15 -15.84 8.77
C HIS C 158 -18.28 -14.39 9.11
N GLU C 159 -17.14 -13.76 9.41
CA GLU C 159 -17.10 -12.34 9.79
C GLU C 159 -17.36 -11.43 8.59
N GLY C 160 -16.87 -11.84 7.43
CA GLY C 160 -17.08 -11.07 6.21
C GLY C 160 -16.05 -9.98 6.00
N ILE C 161 -16.07 -9.41 4.81
CA ILE C 161 -15.07 -8.41 4.41
C ILE C 161 -15.55 -6.97 4.54
N ALA C 162 -16.84 -6.79 4.82
CA ALA C 162 -17.42 -5.46 4.98
C ALA C 162 -16.64 -4.67 6.02
N THR C 163 -16.54 -5.22 7.22
CA THR C 163 -15.80 -4.60 8.31
C THR C 163 -14.31 -4.46 7.98
N ALA C 164 -13.79 -5.41 7.20
CA ALA C 164 -12.39 -5.38 6.76
C ALA C 164 -12.14 -4.15 5.89
N ILE C 165 -12.92 -4.03 4.82
CA ILE C 165 -12.81 -2.89 3.89
C ILE C 165 -13.10 -1.58 4.61
N MET C 166 -14.13 -1.59 5.45
CA MET C 166 -14.50 -0.42 6.25
C MET C 166 -13.32 0.15 7.04
N ASN C 167 -12.48 -0.74 7.59
CA ASN C 167 -11.33 -0.34 8.38
C ASN C 167 -10.02 -0.43 7.61
N SER C 168 -10.10 -0.55 6.29
CA SER C 168 -8.93 -0.59 5.41
C SER C 168 -7.92 -1.66 5.86
N ASP C 169 -8.45 -2.77 6.37
CA ASP C 169 -7.64 -3.87 6.87
C ASP C 169 -7.42 -4.88 5.74
N CYS C 170 -6.82 -4.41 4.66
CA CYS C 170 -6.58 -5.19 3.46
C CYS C 170 -5.66 -4.37 2.56
N LEU C 171 -5.40 -4.84 1.34
CA LEU C 171 -4.64 -4.04 0.37
C LEU C 171 -5.55 -2.96 -0.19
N VAL C 172 -5.10 -1.71 -0.07
CA VAL C 172 -5.88 -0.56 -0.52
C VAL C 172 -5.02 0.40 -1.34
N PHE C 173 -5.56 0.83 -2.47
CA PHE C 173 -4.89 1.81 -3.31
C PHE C 173 -5.90 2.56 -4.14
N ASP C 174 -5.57 3.79 -4.51
CA ASP C 174 -6.43 4.62 -5.36
C ASP C 174 -6.16 4.30 -6.83
N THR C 175 -6.95 4.92 -7.72
CA THR C 175 -6.88 4.65 -9.16
C THR C 175 -5.54 5.06 -9.80
N SER C 176 -4.93 6.12 -9.26
CA SER C 176 -3.63 6.58 -9.76
C SER C 176 -2.54 5.53 -9.54
N ILE C 177 -2.48 4.96 -8.33
CA ILE C 177 -1.58 3.82 -8.06
C ILE C 177 -1.79 2.71 -9.10
N ALA C 178 -3.05 2.32 -9.27
CA ALA C 178 -3.40 1.24 -10.19
C ALA C 178 -2.82 1.41 -11.60
N GLN C 179 -2.73 2.64 -12.09
CA GLN C 179 -2.19 2.92 -13.43
C GLN C 179 -0.72 2.56 -13.57
N LEU C 180 0.05 2.73 -12.49
CA LEU C 180 1.46 2.37 -12.49
C LEU C 180 1.64 0.87 -12.68
N PHE C 181 0.76 0.10 -12.04
CA PHE C 181 0.81 -1.37 -12.06
C PHE C 181 -0.03 -2.00 -13.17
N ALA C 182 -0.93 -1.21 -13.76
CA ALA C 182 -1.84 -1.71 -14.79
C ALA C 182 -1.18 -1.65 -16.16
N GLU C 183 -1.45 -2.67 -16.98
CA GLU C 183 -1.14 -2.61 -18.41
C GLU C 183 -2.42 -2.88 -19.21
N ASN C 184 -2.77 -1.94 -20.08
CA ASN C 184 -4.03 -1.92 -20.83
C ASN C 184 -5.27 -2.40 -20.05
N GLY C 185 -5.59 -1.69 -18.98
CA GLY C 185 -6.78 -1.97 -18.18
C GLY C 185 -6.77 -3.29 -17.45
N ASN C 186 -5.60 -3.91 -17.34
CA ASN C 186 -5.44 -5.22 -16.71
C ASN C 186 -4.46 -5.16 -15.55
N LEU C 187 -4.99 -5.17 -14.34
CA LEU C 187 -4.17 -5.23 -13.13
C LEU C 187 -3.95 -6.69 -12.75
N GLY C 188 -2.69 -7.11 -12.76
CA GLY C 188 -2.32 -8.46 -12.34
C GLY C 188 -1.88 -8.46 -10.90
N ILE C 189 -2.70 -9.04 -10.03
CA ILE C 189 -2.38 -9.15 -8.60
C ILE C 189 -1.84 -10.54 -8.28
N ASN C 190 -0.58 -10.61 -7.85
CA ASN C 190 0.02 -11.88 -7.44
C ASN C 190 -0.52 -12.28 -6.08
N VAL C 191 -1.04 -13.50 -5.96
CA VAL C 191 -1.52 -13.99 -4.67
C VAL C 191 -0.80 -15.26 -4.26
N THR C 192 -0.30 -15.26 -3.03
CA THR C 192 0.35 -16.43 -2.44
C THR C 192 -0.30 -16.76 -1.10
N ILE C 193 -0.54 -18.04 -0.86
CA ILE C 193 -1.17 -18.51 0.37
C ILE C 193 -0.29 -19.57 1.02
N SER C 194 -0.32 -19.64 2.35
CA SER C 194 0.53 -20.56 3.10
C SER C 194 -0.01 -20.89 4.49
N MET C 195 0.48 -22.00 5.06
CA MET C 195 0.07 -22.48 6.38
C MET C 195 0.89 -21.83 7.50
N CYS C 196 0.42 -22.00 8.74
CA CYS C 196 1.14 -21.60 9.94
C CYS C 196 0.45 -22.12 11.21
N LEU D 3 7.03 -20.39 -12.52
CA LEU D 3 5.91 -19.73 -13.24
C LEU D 3 4.64 -19.76 -12.41
N ARG D 4 3.70 -18.90 -12.77
CA ARG D 4 2.45 -18.73 -12.02
C ARG D 4 1.24 -18.83 -12.95
N PRO D 5 0.27 -19.71 -12.59
CA PRO D 5 -0.96 -19.79 -13.38
C PRO D 5 -1.77 -18.50 -13.27
N VAL D 6 -2.54 -18.19 -14.31
CA VAL D 6 -3.24 -16.92 -14.40
C VAL D 6 -4.74 -17.12 -14.57
N MET D 8 -8.05 -14.98 -15.50
CA MET D 8 -8.43 -13.72 -16.15
C MET D 8 -9.85 -13.33 -15.75
N VAL D 9 -9.97 -12.73 -14.56
CA VAL D 9 -11.29 -12.42 -14.00
C VAL D 9 -11.86 -11.14 -14.62
N ARG D 10 -13.16 -11.20 -14.95
CA ARG D 10 -13.89 -10.03 -15.45
C ARG D 10 -14.71 -9.43 -14.32
N PRO D 11 -14.99 -8.12 -14.40
CA PRO D 11 -15.73 -7.41 -13.35
C PRO D 11 -17.25 -7.55 -13.42
N THR D 12 -17.90 -7.33 -12.29
CA THR D 12 -19.35 -7.25 -12.20
C THR D 12 -19.74 -5.79 -11.94
N VAL D 13 -20.82 -5.34 -12.58
CA VAL D 13 -21.28 -3.96 -12.44
C VAL D 13 -22.69 -3.92 -11.86
#